data_4DI8
#
_entry.id   4DI8
#
_cell.length_a   74.348
_cell.length_b   52.131
_cell.length_c   76.539
_cell.angle_alpha   90.00
_cell.angle_beta   93.73
_cell.angle_gamma   90.00
#
_symmetry.space_group_name_H-M   'P 1 21 1'
#
loop_
_entity.id
_entity.type
_entity.pdbx_description
1 polymer '2-pyrone-4,6-dicarbaxylate hydrolase'
2 non-polymer '2-oxo-2H-pyran-4,6-dicarboxylic acid'
3 non-polymer 'ACETATE ION'
4 non-polymer '(1E,3Z)-4-hydroxybuta-1,3-diene-1,2,4-tricarboxylic acid'
5 non-polymer 'MAGNESIUM ION'
6 water water
#
_entity_poly.entity_id   1
_entity_poly.type   'polypeptide(L)'
_entity_poly.pdbx_seq_one_letter_code
;MSLTNDERILSWNETPSKPRYTPPPGAIDAHCHVFGPMAQFPFSPKAKYLPRDAGPDMLFALRDHLGFARNVIVQASCHG
TDNAATLDAIARAQGKARGIAVVDPAIDEAELAALHEGGMRGIRFNFLKRLVDDAPKDKFLEVAGRLPAGWHVVIYFEAD
ILEELRPFMDAIPVPIVIDHMGRPDVRQGPDGADMKAFRRLLDSREDIWFKATCPDRLDPAGPPWDDFARSVAPLVADYA
DRVIWGTAWPHPNMQDAIPDDGLVVDMIPRIAPTPELQHKMLVTNPMRLYWSEEMEGHHHHHH
;
_entity_poly.pdbx_strand_id   A,B
#
loop_
_chem_comp.id
_chem_comp.type
_chem_comp.name
_chem_comp.formula
0GY non-polymer '(1E,3Z)-4-hydroxybuta-1,3-diene-1,2,4-tricarboxylic acid' 'C7 H6 O7'
0GZ non-polymer '2-oxo-2H-pyran-4,6-dicarboxylic acid' 'C7 H4 O6'
ACT non-polymer 'ACETATE ION' 'C2 H3 O2 -1'
MG non-polymer 'MAGNESIUM ION' 'Mg 2'
#
# COMPACT_ATOMS: atom_id res chain seq x y z
N SER A 2 -5.05 3.25 8.07
CA SER A 2 -5.27 4.66 7.85
C SER A 2 -4.04 5.50 8.15
N LEU A 3 -3.86 6.52 7.30
CA LEU A 3 -2.94 7.63 7.44
C LEU A 3 -3.73 8.93 7.53
N THR A 4 -3.26 9.88 8.27
CA THR A 4 -3.91 11.19 8.32
C THR A 4 -3.77 11.89 6.96
N ASN A 5 -4.66 12.85 6.70
CA ASN A 5 -4.60 13.61 5.47
C ASN A 5 -3.23 14.30 5.29
N ASP A 6 -2.72 14.86 6.40
CA ASP A 6 -1.44 15.56 6.41
C ASP A 6 -0.26 14.68 6.00
N GLU A 7 -0.35 13.40 6.37
CA GLU A 7 0.70 12.39 6.13
C GLU A 7 0.72 11.97 4.67
N ARG A 8 -0.42 12.10 4.01
CA ARG A 8 -0.60 11.62 2.64
C ARG A 8 -0.24 12.69 1.60
N ILE A 9 -0.10 12.23 0.35
CA ILE A 9 0.48 13.04 -0.73
C ILE A 9 -0.50 14.00 -1.40
N LEU A 10 -0.12 15.28 -1.38
CA LEU A 10 -0.82 16.30 -2.16
C LEU A 10 -0.23 16.30 -3.57
N SER A 11 -1.09 16.18 -4.58
CA SER A 11 -0.63 16.17 -5.97
C SER A 11 -1.36 17.20 -6.84
N TRP A 12 -2.15 18.07 -6.22
CA TRP A 12 -2.86 19.12 -6.96
C TRP A 12 -2.58 20.50 -6.39
N ASN A 13 -2.92 21.51 -7.19
CA ASN A 13 -2.77 22.91 -6.82
C ASN A 13 -4.00 23.34 -6.05
N GLU A 14 -3.82 23.81 -4.83
CA GLU A 14 -4.97 24.11 -3.96
C GLU A 14 -5.68 25.42 -4.33
N THR A 15 -4.98 26.27 -5.09
CA THR A 15 -5.54 27.55 -5.58
CA THR A 15 -5.54 27.54 -5.57
C THR A 15 -5.23 27.71 -7.08
N PRO A 16 -5.88 26.89 -7.93
CA PRO A 16 -5.50 26.98 -9.34
C PRO A 16 -5.90 28.30 -9.99
N SER A 17 -5.15 28.70 -11.02
CA SER A 17 -5.48 29.91 -11.79
C SER A 17 -6.81 29.74 -12.52
N LYS A 18 -7.52 30.85 -12.71
CA LYS A 18 -8.70 30.84 -13.58
C LYS A 18 -8.19 30.59 -14.99
N PRO A 19 -8.83 29.67 -15.73
CA PRO A 19 -8.40 29.53 -17.12
C PRO A 19 -8.69 30.81 -17.90
N ARG A 20 -7.82 31.14 -18.85
CA ARG A 20 -8.12 32.21 -19.82
C ARG A 20 -9.19 31.79 -20.82
N TYR A 21 -9.26 30.49 -21.08
CA TYR A 21 -10.22 29.89 -21.98
C TYR A 21 -11.55 29.66 -21.27
N THR A 22 -12.67 30.00 -21.92
CA THR A 22 -13.99 29.72 -21.37
C THR A 22 -14.60 28.52 -22.11
N PRO A 23 -14.75 27.37 -21.43
CA PRO A 23 -15.37 26.23 -22.09
C PRO A 23 -16.81 26.52 -22.48
N PRO A 24 -17.32 25.85 -23.54
CA PRO A 24 -18.67 26.10 -24.00
C PRO A 24 -19.70 25.47 -23.07
N PRO A 25 -20.98 25.87 -23.16
CA PRO A 25 -22.04 25.25 -22.36
C PRO A 25 -22.03 23.73 -22.55
N GLY A 26 -22.33 23.01 -21.47
CA GLY A 26 -22.37 21.55 -21.50
C GLY A 26 -21.03 20.82 -21.61
N ALA A 27 -19.92 21.53 -21.41
CA ALA A 27 -18.56 20.95 -21.52
C ALA A 27 -18.33 19.86 -20.47
N ILE A 28 -17.71 18.78 -20.91
CA ILE A 28 -17.50 17.62 -20.06
C ILE A 28 -16.02 17.40 -19.81
N ASP A 29 -15.64 17.37 -18.52
CA ASP A 29 -14.31 16.95 -18.09
C ASP A 29 -14.37 15.43 -17.97
N ALA A 30 -13.87 14.74 -18.98
CA ALA A 30 -14.13 13.30 -19.16
C ALA A 30 -13.04 12.41 -18.57
N HIS A 31 -12.13 13.03 -17.81
CA HIS A 31 -11.13 12.25 -17.08
C HIS A 31 -10.74 12.95 -15.79
N CYS A 32 -11.39 12.55 -14.69
CA CYS A 32 -11.04 13.07 -13.37
C CYS A 32 -11.25 11.97 -12.35
N HIS A 33 -10.79 12.19 -11.11
CA HIS A 33 -10.96 11.17 -10.07
C HIS A 33 -11.41 11.80 -8.77
N VAL A 34 -11.97 10.98 -7.90
CA VAL A 34 -12.01 11.30 -6.46
C VAL A 34 -11.12 10.33 -5.68
N PHE A 35 -10.58 10.83 -4.57
CA PHE A 35 -9.79 10.04 -3.64
C PHE A 35 -10.51 10.10 -2.29
N GLY A 36 -10.94 8.96 -1.78
CA GLY A 36 -11.63 8.93 -0.48
C GLY A 36 -12.92 9.75 -0.54
N PRO A 37 -13.22 10.56 0.50
CA PRO A 37 -12.44 10.78 1.73
C PRO A 37 -12.17 9.46 2.41
N MET A 38 -10.92 9.24 2.80
CA MET A 38 -10.45 7.95 3.32
C MET A 38 -11.19 7.45 4.56
N ALA A 39 -11.69 8.39 5.33
CA ALA A 39 -12.41 8.08 6.56
C ALA A 39 -13.67 7.29 6.20
N GLN A 40 -14.37 7.67 5.13
CA GLN A 40 -15.48 6.85 4.68
C GLN A 40 -15.21 5.75 3.65
N PHE A 41 -14.23 6.02 2.77
CA PHE A 41 -13.88 5.08 1.75
C PHE A 41 -12.37 4.80 1.72
N PRO A 42 -11.98 3.71 2.35
CA PRO A 42 -10.58 3.34 2.48
C PRO A 42 -9.93 2.99 1.15
N PHE A 43 -8.60 3.11 1.08
CA PHE A 43 -7.87 2.73 -0.11
C PHE A 43 -7.69 1.22 -0.20
N SER A 44 -7.46 0.73 -1.41
CA SER A 44 -7.22 -0.66 -1.67
C SER A 44 -5.89 -1.13 -1.04
N PRO A 45 -5.85 -2.39 -0.54
CA PRO A 45 -4.57 -2.95 -0.09
C PRO A 45 -3.56 -3.01 -1.24
N LYS A 46 -4.04 -2.97 -2.48
CA LYS A 46 -3.16 -3.01 -3.63
C LYS A 46 -2.74 -1.64 -4.17
N ALA A 47 -3.23 -0.56 -3.54
CA ALA A 47 -2.86 0.79 -3.97
C ALA A 47 -1.35 0.95 -3.94
N LYS A 48 -0.79 1.54 -4.99
CA LYS A 48 0.66 1.82 -5.02
C LYS A 48 0.99 3.23 -4.57
N TYR A 49 -0.05 4.02 -4.30
CA TYR A 49 0.10 5.35 -3.72
C TYR A 49 -1.08 5.64 -2.79
N LEU A 50 -0.84 6.46 -1.77
CA LEU A 50 -1.87 6.81 -0.78
C LEU A 50 -2.08 8.32 -0.81
N PRO A 51 -3.00 8.78 -1.67
CA PRO A 51 -3.15 10.21 -1.88
C PRO A 51 -3.93 10.86 -0.76
N ARG A 52 -3.78 12.18 -0.64
CA ARG A 52 -4.60 12.98 0.25
C ARG A 52 -6.06 12.95 -0.23
N ASP A 53 -7.01 13.14 0.68
CA ASP A 53 -8.44 13.16 0.33
C ASP A 53 -8.75 14.20 -0.74
N ALA A 54 -9.52 13.79 -1.75
CA ALA A 54 -9.96 14.71 -2.79
C ALA A 54 -11.40 14.34 -3.12
N GLY A 55 -12.34 14.87 -2.34
CA GLY A 55 -13.74 14.44 -2.40
C GLY A 55 -14.61 15.16 -3.41
N PRO A 56 -15.88 14.74 -3.52
CA PRO A 56 -16.78 15.32 -4.52
C PRO A 56 -16.95 16.83 -4.39
N ASP A 57 -17.11 17.36 -3.17
CA ASP A 57 -17.26 18.81 -3.02
C ASP A 57 -16.07 19.56 -3.63
N MET A 58 -14.89 19.02 -3.45
CA MET A 58 -13.69 19.61 -4.04
C MET A 58 -13.71 19.48 -5.56
N LEU A 59 -14.14 18.32 -6.04
CA LEU A 59 -14.22 18.10 -7.49
C LEU A 59 -15.21 19.07 -8.15
N PHE A 60 -16.40 19.23 -7.55
CA PHE A 60 -17.40 20.12 -8.11
C PHE A 60 -16.98 21.59 -8.06
N ALA A 61 -16.26 21.97 -7.01
CA ALA A 61 -15.76 23.33 -6.88
C ALA A 61 -14.77 23.62 -8.02
N LEU A 62 -13.91 22.64 -8.29
CA LEU A 62 -12.92 22.69 -9.35
C LEU A 62 -13.62 22.77 -10.71
N ARG A 63 -14.61 21.89 -10.92
CA ARG A 63 -15.44 21.87 -12.12
C ARG A 63 -16.02 23.26 -12.40
N ASP A 64 -16.65 23.86 -11.38
CA ASP A 64 -17.25 25.19 -11.52
C ASP A 64 -16.21 26.28 -11.81
N HIS A 65 -15.11 26.25 -11.08
CA HIS A 65 -14.00 27.21 -11.25
C HIS A 65 -13.48 27.24 -12.69
N LEU A 66 -13.29 26.05 -13.26
CA LEU A 66 -12.73 25.90 -14.60
C LEU A 66 -13.76 26.12 -15.70
N GLY A 67 -15.05 26.10 -15.33
CA GLY A 67 -16.12 26.39 -16.28
C GLY A 67 -16.72 25.17 -16.98
N PHE A 68 -16.58 24.01 -16.37
CA PHE A 68 -17.16 22.78 -16.91
C PHE A 68 -18.54 22.51 -16.35
N ALA A 69 -19.35 21.78 -17.12
CA ALA A 69 -20.73 21.49 -16.74
C ALA A 69 -20.88 20.10 -16.14
N ARG A 70 -20.08 19.15 -16.63
CA ARG A 70 -20.21 17.73 -16.26
C ARG A 70 -18.86 17.05 -16.12
N ASN A 71 -18.85 15.91 -15.42
CA ASN A 71 -17.62 15.12 -15.26
C ASN A 71 -17.86 13.67 -15.56
N VAL A 72 -16.81 13.02 -16.06
CA VAL A 72 -16.74 11.57 -16.02
C VAL A 72 -15.71 11.23 -14.95
N ILE A 73 -16.21 10.61 -13.89
CA ILE A 73 -15.39 10.31 -12.71
C ILE A 73 -14.85 8.88 -12.85
N VAL A 74 -13.53 8.78 -12.98
CA VAL A 74 -12.88 7.53 -13.34
C VAL A 74 -12.26 6.92 -12.08
N GLN A 75 -12.69 5.70 -11.75
CA GLN A 75 -12.13 4.93 -10.63
C GLN A 75 -10.61 4.95 -10.70
N ALA A 76 -9.99 5.36 -9.58
CA ALA A 76 -8.53 5.50 -9.49
C ALA A 76 -7.92 4.22 -8.95
N SER A 77 -6.71 3.89 -9.40
CA SER A 77 -6.05 2.62 -9.03
C SER A 77 -5.84 2.49 -7.52
N CYS A 78 -5.75 3.62 -6.82
CA CYS A 78 -5.62 3.60 -5.36
C CYS A 78 -6.85 3.01 -4.65
N HIS A 79 -7.98 2.90 -5.36
CA HIS A 79 -9.17 2.28 -4.81
C HIS A 79 -9.46 0.87 -5.34
N GLY A 80 -8.58 0.37 -6.20
CA GLY A 80 -8.70 -1.03 -6.66
C GLY A 80 -10.05 -1.29 -7.30
N THR A 81 -10.72 -2.36 -6.86
CA THR A 81 -12.00 -2.73 -7.48
C THR A 81 -13.19 -2.34 -6.62
N ASP A 82 -12.93 -1.54 -5.59
CA ASP A 82 -13.99 -1.01 -4.73
C ASP A 82 -14.36 0.37 -5.26
N ASN A 83 -15.47 0.44 -6.00
CA ASN A 83 -15.87 1.68 -6.68
C ASN A 83 -16.69 2.64 -5.83
N ALA A 84 -16.78 2.35 -4.52
CA ALA A 84 -17.66 3.11 -3.62
C ALA A 84 -17.45 4.63 -3.62
N ALA A 85 -16.19 5.07 -3.54
CA ALA A 85 -15.89 6.51 -3.52
C ALA A 85 -16.37 7.19 -4.80
N THR A 86 -16.03 6.57 -5.94
CA THR A 86 -16.45 7.05 -7.24
C THR A 86 -17.97 7.09 -7.35
N LEU A 87 -18.62 6.00 -6.94
CA LEU A 87 -20.09 5.91 -6.96
C LEU A 87 -20.77 6.99 -6.11
N ASP A 88 -20.22 7.22 -4.91
CA ASP A 88 -20.73 8.29 -4.03
C ASP A 88 -20.61 9.68 -4.67
N ALA A 89 -19.49 9.92 -5.35
CA ALA A 89 -19.28 11.21 -6.02
C ALA A 89 -20.29 11.44 -7.14
N ILE A 90 -20.56 10.38 -7.92
CA ILE A 90 -21.56 10.43 -9.00
C ILE A 90 -22.93 10.74 -8.41
N ALA A 91 -23.25 10.06 -7.31
CA ALA A 91 -24.51 10.30 -6.62
C ALA A 91 -24.63 11.77 -6.20
N ARG A 92 -23.56 12.29 -5.61
CA ARG A 92 -23.54 13.67 -5.13
C ARG A 92 -23.56 14.71 -6.24
N ALA A 93 -23.19 14.32 -7.46
CA ALA A 93 -23.19 15.23 -8.62
C ALA A 93 -24.60 15.57 -9.10
N GLN A 94 -25.58 14.82 -8.59
CA GLN A 94 -27.02 15.05 -8.91
C GLN A 94 -27.28 15.09 -10.41
N GLY A 95 -26.74 14.11 -11.13
CA GLY A 95 -26.97 14.00 -12.56
C GLY A 95 -25.87 14.59 -13.42
N LYS A 96 -24.98 15.37 -12.83
CA LYS A 96 -23.91 16.03 -13.60
C LYS A 96 -22.65 15.18 -13.80
N ALA A 97 -22.71 13.91 -13.41
CA ALA A 97 -21.55 13.02 -13.59
C ALA A 97 -21.94 11.62 -14.04
N ARG A 98 -21.08 11.03 -14.88
CA ARG A 98 -21.15 9.61 -15.19
C ARG A 98 -19.80 9.03 -14.75
N GLY A 99 -19.59 7.73 -14.91
CA GLY A 99 -18.44 7.08 -14.28
C GLY A 99 -17.78 5.99 -15.09
N ILE A 100 -16.54 5.67 -14.74
CA ILE A 100 -15.85 4.49 -15.24
C ILE A 100 -15.41 3.68 -14.03
N ALA A 101 -15.63 2.38 -14.09
CA ALA A 101 -15.34 1.48 -12.98
C ALA A 101 -14.07 0.66 -13.19
N VAL A 102 -13.52 0.14 -12.10
CA VAL A 102 -12.56 -0.97 -12.17
C VAL A 102 -13.21 -2.16 -11.47
N VAL A 103 -13.26 -3.30 -12.19
CA VAL A 103 -13.99 -4.47 -11.70
C VAL A 103 -13.11 -5.71 -11.58
N ASP A 104 -13.46 -6.57 -10.63
CA ASP A 104 -12.98 -7.95 -10.62
C ASP A 104 -13.53 -8.57 -11.91
N PRO A 105 -12.67 -9.19 -12.75
CA PRO A 105 -13.18 -9.82 -13.97
C PRO A 105 -14.23 -10.90 -13.71
N ALA A 106 -14.33 -11.33 -12.45
CA ALA A 106 -15.32 -12.32 -12.02
C ALA A 106 -16.68 -11.72 -11.66
N ILE A 107 -16.80 -10.39 -11.71
CA ILE A 107 -18.04 -9.66 -11.36
C ILE A 107 -19.25 -10.24 -12.09
N ASP A 108 -20.36 -10.42 -11.37
CA ASP A 108 -21.55 -11.03 -12.00
C ASP A 108 -22.49 -10.02 -12.70
N GLU A 109 -23.44 -10.54 -13.48
CA GLU A 109 -24.36 -9.71 -14.26
C GLU A 109 -25.10 -8.68 -13.41
N ALA A 110 -25.58 -9.11 -12.24
CA ALA A 110 -26.33 -8.22 -11.34
C ALA A 110 -25.48 -7.06 -10.80
N GLU A 111 -24.24 -7.36 -10.43
CA GLU A 111 -23.32 -6.35 -9.92
C GLU A 111 -23.01 -5.31 -11.00
N LEU A 112 -22.85 -5.76 -12.24
CA LEU A 112 -22.65 -4.84 -13.37
C LEU A 112 -23.88 -3.95 -13.59
N ALA A 113 -25.07 -4.53 -13.45
CA ALA A 113 -26.32 -3.79 -13.56
C ALA A 113 -26.40 -2.70 -12.49
N ALA A 114 -25.95 -3.04 -11.29
CA ALA A 114 -25.97 -2.09 -10.18
C ALA A 114 -25.01 -0.93 -10.44
N LEU A 115 -23.86 -1.25 -11.03
CA LEU A 115 -22.90 -0.20 -11.43
C LEU A 115 -23.49 0.72 -12.51
N HIS A 116 -24.21 0.17 -13.45
CA HIS A 116 -24.90 0.98 -14.43
C HIS A 116 -25.90 1.91 -13.82
N GLU A 117 -26.70 1.42 -12.88
CA GLU A 117 -27.69 2.26 -12.23
C GLU A 117 -27.03 3.36 -11.46
N GLY A 118 -25.84 3.07 -10.96
CA GLY A 118 -25.08 4.03 -10.19
C GLY A 118 -24.27 4.96 -11.08
N GLY A 119 -24.44 4.84 -12.39
CA GLY A 119 -23.92 5.82 -13.35
C GLY A 119 -22.65 5.45 -14.09
N MET A 120 -22.19 4.20 -13.91
CA MET A 120 -21.01 3.73 -14.64
C MET A 120 -21.39 3.43 -16.08
N ARG A 121 -20.51 3.76 -17.01
CA ARG A 121 -20.73 3.44 -18.43
C ARG A 121 -19.55 2.70 -19.07
N GLY A 122 -18.68 2.13 -18.25
CA GLY A 122 -17.57 1.34 -18.77
C GLY A 122 -16.61 0.93 -17.66
N ILE A 123 -15.60 0.17 -18.05
CA ILE A 123 -14.58 -0.35 -17.12
C ILE A 123 -13.20 0.01 -17.64
N ARG A 124 -12.20 0.00 -16.75
CA ARG A 124 -10.87 0.44 -17.10
C ARG A 124 -9.85 -0.68 -16.92
N PHE A 125 -8.99 -0.84 -17.92
CA PHE A 125 -7.87 -1.79 -17.87
C PHE A 125 -6.54 -1.03 -17.83
N ASN A 126 -5.78 -1.23 -16.76
CA ASN A 126 -4.57 -0.44 -16.54
C ASN A 126 -3.31 -1.30 -16.70
N PHE A 127 -2.55 -1.04 -17.76
CA PHE A 127 -1.36 -1.84 -18.10
C PHE A 127 -0.04 -1.23 -17.62
N LEU A 128 -0.12 -0.25 -16.73
CA LEU A 128 1.09 0.35 -16.17
C LEU A 128 1.47 -0.42 -14.91
N LYS A 129 2.58 -1.15 -14.96
CA LYS A 129 3.05 -1.92 -13.79
C LYS A 129 3.32 -1.08 -12.56
N ARG A 130 3.62 0.20 -12.75
CA ARG A 130 3.87 1.09 -11.60
C ARG A 130 2.59 1.45 -10.86
N LEU A 131 1.45 1.05 -11.43
CA LEU A 131 0.14 1.28 -10.83
C LEU A 131 -0.58 0.00 -10.45
N VAL A 132 -0.50 -1.02 -11.32
CA VAL A 132 -1.20 -2.28 -11.11
C VAL A 132 -0.32 -3.46 -11.53
N ASP A 133 -0.11 -4.42 -10.63
CA ASP A 133 0.74 -5.60 -10.91
C ASP A 133 0.18 -6.50 -12.01
N ASP A 134 -1.11 -6.85 -11.89
CA ASP A 134 -1.69 -7.89 -12.73
C ASP A 134 -2.61 -7.34 -13.80
N ALA A 135 -2.51 -7.90 -14.99
CA ALA A 135 -3.37 -7.52 -16.10
C ALA A 135 -3.70 -8.75 -16.94
N PRO A 136 -4.63 -9.60 -16.44
CA PRO A 136 -4.99 -10.85 -17.11
C PRO A 136 -5.83 -10.60 -18.36
N LYS A 137 -5.18 -10.56 -19.53
CA LYS A 137 -5.85 -10.20 -20.79
C LYS A 137 -7.03 -11.09 -21.13
N ASP A 138 -6.85 -12.41 -20.98
CA ASP A 138 -7.94 -13.37 -21.25
CA ASP A 138 -7.94 -13.35 -21.25
C ASP A 138 -9.18 -13.06 -20.40
N LYS A 139 -8.97 -12.85 -19.09
CA LYS A 139 -10.06 -12.51 -18.16
C LYS A 139 -10.67 -11.16 -18.51
N PHE A 140 -9.83 -10.22 -18.97
CA PHE A 140 -10.28 -8.90 -19.37
C PHE A 140 -11.22 -9.02 -20.57
N LEU A 141 -10.83 -9.83 -21.54
CA LEU A 141 -11.62 -10.02 -22.71
C LEU A 141 -12.99 -10.65 -22.38
N GLU A 142 -12.98 -11.59 -21.48
CA GLU A 142 -14.20 -12.23 -21.08
C GLU A 142 -15.17 -11.28 -20.37
N VAL A 143 -14.67 -10.49 -19.45
CA VAL A 143 -15.53 -9.54 -18.81
C VAL A 143 -16.06 -8.48 -19.78
N ALA A 144 -15.23 -8.05 -20.70
CA ALA A 144 -15.60 -7.04 -21.70
C ALA A 144 -16.76 -7.48 -22.57
N GLY A 145 -16.91 -8.79 -22.75
CA GLY A 145 -17.97 -9.39 -23.55
C GLY A 145 -19.31 -9.52 -22.85
N ARG A 146 -19.38 -9.18 -21.56
CA ARG A 146 -20.65 -9.30 -20.82
C ARG A 146 -21.04 -8.05 -20.02
N LEU A 147 -20.66 -6.89 -20.56
CA LEU A 147 -20.95 -5.61 -19.95
C LEU A 147 -22.33 -5.17 -20.38
N PRO A 148 -22.98 -4.31 -19.57
CA PRO A 148 -24.27 -3.77 -19.96
C PRO A 148 -24.26 -3.11 -21.33
N ALA A 149 -25.40 -3.12 -21.99
CA ALA A 149 -25.55 -2.53 -23.32
C ALA A 149 -25.02 -1.10 -23.34
N GLY A 150 -24.22 -0.79 -24.34
CA GLY A 150 -23.73 0.58 -24.50
C GLY A 150 -22.48 0.96 -23.72
N TRP A 151 -21.92 0.04 -22.93
CA TRP A 151 -20.65 0.31 -22.23
C TRP A 151 -19.45 0.25 -23.17
N HIS A 152 -18.38 0.93 -22.81
CA HIS A 152 -17.10 0.80 -23.51
C HIS A 152 -16.02 0.37 -22.50
N VAL A 153 -14.80 0.17 -23.00
CA VAL A 153 -13.66 -0.11 -22.15
CA VAL A 153 -13.67 -0.08 -22.11
C VAL A 153 -12.67 1.05 -22.25
N VAL A 154 -12.05 1.42 -21.13
CA VAL A 154 -11.02 2.45 -21.10
C VAL A 154 -9.69 1.73 -20.88
N ILE A 155 -8.67 2.07 -21.69
CA ILE A 155 -7.40 1.36 -21.60
C ILE A 155 -6.27 2.35 -21.41
N TYR A 156 -5.41 2.05 -20.42
CA TYR A 156 -4.25 2.87 -20.14
C TYR A 156 -2.98 2.07 -20.32
N PHE A 157 -2.10 2.54 -21.20
CA PHE A 157 -0.83 1.84 -21.46
C PHE A 157 0.23 2.85 -21.88
N GLU A 158 1.48 2.38 -21.93
CA GLU A 158 2.62 3.18 -22.36
C GLU A 158 2.97 2.83 -23.80
N ALA A 159 3.64 3.75 -24.50
CA ALA A 159 3.93 3.58 -25.92
C ALA A 159 4.73 2.29 -26.24
N ASP A 160 5.60 1.89 -25.32
CA ASP A 160 6.48 0.77 -25.56
C ASP A 160 5.81 -0.61 -25.50
N ILE A 161 4.53 -0.65 -25.11
CA ILE A 161 3.79 -1.91 -25.16
C ILE A 161 2.61 -1.89 -26.14
N LEU A 162 2.43 -0.79 -26.85
CA LEU A 162 1.35 -0.68 -27.83
C LEU A 162 1.33 -1.84 -28.83
N GLU A 163 2.47 -2.12 -29.46
CA GLU A 163 2.53 -3.21 -30.45
C GLU A 163 2.08 -4.56 -29.85
N GLU A 164 2.60 -4.85 -28.66
CA GLU A 164 2.28 -6.05 -27.92
C GLU A 164 0.78 -6.17 -27.59
N LEU A 165 0.14 -5.01 -27.39
CA LEU A 165 -1.27 -4.94 -27.05
C LEU A 165 -2.23 -4.97 -28.22
N ARG A 166 -1.71 -4.87 -29.45
CA ARG A 166 -2.58 -4.81 -30.63
C ARG A 166 -3.57 -6.00 -30.73
N PRO A 167 -3.09 -7.25 -30.54
CA PRO A 167 -4.03 -8.38 -30.61
C PRO A 167 -5.14 -8.33 -29.55
N PHE A 168 -4.79 -7.92 -28.32
CA PHE A 168 -5.77 -7.74 -27.25
C PHE A 168 -6.84 -6.71 -27.63
N MET A 169 -6.39 -5.54 -28.07
CA MET A 169 -7.30 -4.46 -28.45
C MET A 169 -8.18 -4.77 -29.64
N ASP A 170 -7.65 -5.50 -30.63
CA ASP A 170 -8.47 -5.91 -31.74
C ASP A 170 -9.60 -6.87 -31.33
N ALA A 171 -9.37 -7.65 -30.28
CA ALA A 171 -10.35 -8.63 -29.79
C ALA A 171 -11.43 -8.05 -28.85
N ILE A 172 -11.21 -6.86 -28.32
CA ILE A 172 -12.20 -6.23 -27.42
C ILE A 172 -13.54 -6.04 -28.15
N PRO A 173 -14.62 -6.65 -27.62
CA PRO A 173 -15.91 -6.71 -28.34
C PRO A 173 -16.81 -5.49 -28.15
N VAL A 174 -16.28 -4.43 -27.53
CA VAL A 174 -17.01 -3.17 -27.34
C VAL A 174 -16.11 -1.99 -27.76
N PRO A 175 -16.64 -0.76 -27.84
CA PRO A 175 -15.74 0.37 -28.17
C PRO A 175 -14.66 0.62 -27.10
N ILE A 176 -13.61 1.32 -27.50
CA ILE A 176 -12.43 1.49 -26.67
C ILE A 176 -12.10 2.97 -26.57
N VAL A 177 -11.74 3.41 -25.36
CA VAL A 177 -11.26 4.77 -25.14
C VAL A 177 -9.82 4.70 -24.62
N ILE A 178 -8.89 5.37 -25.29
CA ILE A 178 -7.46 5.33 -24.89
C ILE A 178 -7.06 6.53 -24.00
N ASP A 179 -6.64 6.25 -22.76
CA ASP A 179 -6.17 7.30 -21.85
C ASP A 179 -4.86 7.91 -22.32
N HIS A 180 -4.84 9.24 -22.39
CA HIS A 180 -3.65 10.04 -22.67
C HIS A 180 -2.91 9.59 -23.94
N MET A 181 -3.67 9.16 -24.94
CA MET A 181 -3.14 8.67 -26.24
C MET A 181 -2.08 7.56 -26.13
N GLY A 182 -2.07 6.84 -25.01
CA GLY A 182 -1.07 5.78 -24.81
C GLY A 182 0.32 6.33 -24.57
N ARG A 183 0.35 7.54 -24.03
CA ARG A 183 1.57 8.23 -23.55
C ARG A 183 2.67 8.38 -24.61
N PRO A 184 2.31 8.94 -25.78
CA PRO A 184 3.34 9.15 -26.83
C PRO A 184 4.39 10.17 -26.38
N ASP A 185 5.61 10.03 -26.87
CA ASP A 185 6.66 11.02 -26.64
C ASP A 185 6.38 12.24 -27.54
N VAL A 186 5.73 13.25 -26.97
CA VAL A 186 5.35 14.43 -27.75
C VAL A 186 6.53 15.28 -28.21
N ARG A 187 7.73 15.02 -27.65
CA ARG A 187 8.93 15.71 -28.15
C ARG A 187 9.23 15.37 -29.63
N GLN A 188 8.75 14.21 -30.09
CA GLN A 188 9.05 13.72 -31.45
C GLN A 188 8.32 14.50 -32.57
N GLY A 189 7.24 15.21 -32.22
CA GLY A 189 6.46 15.91 -33.25
C GLY A 189 5.20 15.12 -33.61
N PRO A 190 4.27 15.74 -34.36
CA PRO A 190 2.98 15.12 -34.65
C PRO A 190 3.09 13.91 -35.58
N ASP A 191 4.20 13.83 -36.32
CA ASP A 191 4.46 12.70 -37.22
C ASP A 191 5.60 11.81 -36.70
N GLY A 192 5.92 11.93 -35.42
CA GLY A 192 6.99 11.12 -34.80
C GLY A 192 6.61 9.65 -34.69
N ALA A 193 7.54 8.82 -34.21
CA ALA A 193 7.34 7.38 -34.19
C ALA A 193 6.11 6.98 -33.36
N ASP A 194 5.98 7.54 -32.16
CA ASP A 194 4.86 7.16 -31.29
C ASP A 194 3.50 7.54 -31.87
N MET A 195 3.43 8.72 -32.49
CA MET A 195 2.18 9.17 -33.12
C MET A 195 1.85 8.34 -34.36
N LYS A 196 2.87 7.93 -35.09
CA LYS A 196 2.64 7.02 -36.24
C LYS A 196 2.07 5.68 -35.78
N ALA A 197 2.64 5.13 -34.72
CA ALA A 197 2.13 3.88 -34.15
C ALA A 197 0.71 4.05 -33.62
N PHE A 198 0.44 5.19 -32.96
CA PHE A 198 -0.88 5.39 -32.37
C PHE A 198 -1.93 5.57 -33.47
N ARG A 199 -1.55 6.26 -34.54
CA ARG A 199 -2.46 6.39 -35.69
C ARG A 199 -2.77 5.05 -36.37
N ARG A 200 -1.80 4.14 -36.42
CA ARG A 200 -2.04 2.79 -36.93
C ARG A 200 -3.11 2.08 -36.09
N LEU A 201 -3.06 2.29 -34.76
CA LEU A 201 -4.11 1.76 -33.87
C LEU A 201 -5.46 2.40 -34.17
N LEU A 202 -5.50 3.73 -34.28
CA LEU A 202 -6.78 4.43 -34.56
C LEU A 202 -7.37 3.98 -35.90
N ASP A 203 -6.50 3.73 -36.87
CA ASP A 203 -6.95 3.36 -38.22
C ASP A 203 -7.42 1.89 -38.33
N SER A 204 -7.21 1.11 -37.27
CA SER A 204 -7.53 -0.33 -37.30
C SER A 204 -8.99 -0.64 -36.98
N ARG A 205 -9.65 0.27 -36.28
CA ARG A 205 -11.05 0.10 -35.87
C ARG A 205 -11.68 1.49 -35.84
N GLU A 206 -12.93 1.59 -36.26
CA GLU A 206 -13.61 2.88 -36.26
C GLU A 206 -14.03 3.35 -34.85
N ASP A 207 -14.19 2.39 -33.94
CA ASP A 207 -14.74 2.65 -32.62
C ASP A 207 -13.67 2.76 -31.51
N ILE A 208 -12.48 3.24 -31.87
CA ILE A 208 -11.46 3.56 -30.88
C ILE A 208 -11.38 5.08 -30.75
N TRP A 209 -11.69 5.54 -29.54
CA TRP A 209 -11.69 6.95 -29.17
C TRP A 209 -10.44 7.19 -28.34
N PHE A 210 -10.07 8.46 -28.16
CA PHE A 210 -8.92 8.76 -27.30
C PHE A 210 -9.09 10.05 -26.52
N LYS A 211 -8.40 10.13 -25.38
CA LYS A 211 -8.37 11.35 -24.58
C LYS A 211 -7.10 12.11 -24.99
N ALA A 212 -7.27 13.37 -25.41
CA ALA A 212 -6.14 14.20 -25.84
C ALA A 212 -5.64 14.97 -24.63
N THR A 213 -5.07 14.24 -23.68
CA THR A 213 -4.93 14.73 -22.31
C THR A 213 -3.51 14.64 -21.73
N CYS A 214 -3.33 15.41 -20.65
CA CYS A 214 -2.18 15.32 -19.75
C CYS A 214 -0.84 15.85 -20.30
N PRO A 215 -0.81 17.10 -20.72
CA PRO A 215 0.46 17.69 -21.14
C PRO A 215 1.45 17.68 -19.97
N ASP A 216 0.93 17.79 -18.75
CA ASP A 216 1.75 17.70 -17.53
C ASP A 216 2.49 16.35 -17.40
N ARG A 217 1.83 15.25 -17.77
CA ARG A 217 2.49 13.94 -17.72
C ARG A 217 3.43 13.70 -18.89
N LEU A 218 3.08 14.22 -20.06
CA LEU A 218 3.73 13.79 -21.29
C LEU A 218 4.85 14.70 -21.77
N ASP A 219 4.84 15.95 -21.34
CA ASP A 219 5.77 16.97 -21.86
C ASP A 219 6.69 17.44 -20.75
N PRO A 220 7.94 16.93 -20.74
CA PRO A 220 8.80 17.17 -19.57
C PRO A 220 9.37 18.59 -19.51
N ALA A 221 9.08 19.40 -20.53
CA ALA A 221 9.56 20.78 -20.52
C ALA A 221 8.79 21.63 -19.52
N GLY A 222 7.60 21.16 -19.14
CA GLY A 222 6.69 21.94 -18.32
C GLY A 222 5.95 22.99 -19.15
N PRO A 223 5.07 23.77 -18.51
CA PRO A 223 4.26 24.75 -19.23
C PRO A 223 5.15 25.78 -19.98
N PRO A 224 4.72 26.24 -21.17
CA PRO A 224 3.40 26.02 -21.80
C PRO A 224 3.19 24.67 -22.53
N TRP A 225 4.12 23.73 -22.37
CA TRP A 225 3.98 22.39 -22.97
C TRP A 225 3.80 22.49 -24.49
N ASP A 226 4.71 23.21 -25.14
CA ASP A 226 4.61 23.43 -26.59
C ASP A 226 4.75 22.16 -27.42
N ASP A 227 5.51 21.17 -26.93
CA ASP A 227 5.66 19.93 -27.71
C ASP A 227 4.36 19.15 -27.70
N PHE A 228 3.68 19.14 -26.56
CA PHE A 228 2.36 18.51 -26.47
C PHE A 228 1.43 19.20 -27.47
N ALA A 229 1.40 20.53 -27.42
CA ALA A 229 0.50 21.31 -28.29
C ALA A 229 0.74 21.00 -29.78
N ARG A 230 2.00 21.01 -30.20
CA ARG A 230 2.32 20.82 -31.62
C ARG A 230 2.11 19.36 -32.06
N SER A 231 2.33 18.41 -31.16
CA SER A 231 2.18 17.01 -31.52
C SER A 231 0.74 16.53 -31.47
N VAL A 232 -0.07 17.14 -30.60
CA VAL A 232 -1.43 16.64 -30.35
C VAL A 232 -2.47 17.33 -31.27
N ALA A 233 -2.24 18.58 -31.62
CA ALA A 233 -3.26 19.34 -32.37
C ALA A 233 -3.60 18.66 -33.71
N PRO A 234 -2.56 18.16 -34.45
CA PRO A 234 -2.90 17.50 -35.70
C PRO A 234 -3.70 16.21 -35.50
N LEU A 235 -3.49 15.51 -34.38
CA LEU A 235 -4.25 14.31 -34.06
C LEU A 235 -5.71 14.62 -33.78
N VAL A 236 -5.96 15.70 -33.03
CA VAL A 236 -7.32 16.15 -32.78
C VAL A 236 -8.03 16.48 -34.10
N ALA A 237 -7.34 17.21 -34.97
CA ALA A 237 -7.92 17.64 -36.24
C ALA A 237 -8.24 16.44 -37.16
N ASP A 238 -7.38 15.44 -37.12
CA ASP A 238 -7.49 14.29 -38.01
C ASP A 238 -8.51 13.26 -37.53
N TYR A 239 -8.86 13.29 -36.24
CA TYR A 239 -9.81 12.35 -35.65
C TYR A 239 -10.85 13.08 -34.79
N ALA A 240 -11.43 14.14 -35.36
CA ALA A 240 -12.22 15.11 -34.60
C ALA A 240 -13.47 14.50 -33.98
N ASP A 241 -13.94 13.40 -34.57
CA ASP A 241 -15.17 12.74 -34.10
C ASP A 241 -14.91 11.61 -33.12
N ARG A 242 -13.64 11.44 -32.72
CA ARG A 242 -13.25 10.35 -31.86
C ARG A 242 -12.39 10.81 -30.68
N VAL A 243 -12.42 12.10 -30.39
CA VAL A 243 -11.54 12.66 -29.36
C VAL A 243 -12.35 13.26 -28.21
N ILE A 244 -11.90 12.99 -26.99
CA ILE A 244 -12.49 13.62 -25.80
C ILE A 244 -11.36 14.20 -24.92
N TRP A 245 -11.72 14.86 -23.82
CA TRP A 245 -10.72 15.62 -23.06
C TRP A 245 -11.06 15.58 -21.57
N GLY A 246 -10.04 15.74 -20.72
CA GLY A 246 -10.25 15.84 -19.27
C GLY A 246 -9.07 16.54 -18.62
N THR A 247 -9.28 16.97 -17.39
CA THR A 247 -8.25 17.66 -16.60
C THR A 247 -7.24 16.70 -16.01
N ALA A 248 -7.70 15.47 -15.73
CA ALA A 248 -6.96 14.46 -14.94
C ALA A 248 -6.79 14.82 -13.46
N TRP A 249 -7.54 15.82 -13.00
CA TRP A 249 -7.54 16.22 -11.59
C TRP A 249 -8.07 15.03 -10.77
N PRO A 250 -7.49 14.76 -9.59
CA PRO A 250 -6.48 15.54 -8.86
C PRO A 250 -5.02 15.15 -9.12
N HIS A 251 -4.74 14.66 -10.32
CA HIS A 251 -3.36 14.44 -10.79
C HIS A 251 -2.56 13.43 -9.96
N PRO A 252 -3.09 12.19 -9.78
CA PRO A 252 -2.32 11.19 -9.03
C PRO A 252 -0.89 11.07 -9.56
N ASN A 253 0.07 10.99 -8.63
CA ASN A 253 1.48 10.78 -8.93
C ASN A 253 2.22 11.95 -9.53
N MET A 254 1.57 13.11 -9.55
CA MET A 254 2.17 14.30 -10.13
C MET A 254 2.71 15.26 -9.08
N GLN A 255 2.91 14.76 -7.85
CA GLN A 255 3.41 15.62 -6.75
C GLN A 255 4.72 16.31 -7.07
N ASP A 256 5.54 15.73 -7.95
CA ASP A 256 6.84 16.34 -8.24
C ASP A 256 6.78 17.43 -9.29
N ALA A 257 5.64 17.53 -9.98
CA ALA A 257 5.43 18.59 -10.98
C ALA A 257 3.95 18.94 -10.98
N ILE A 258 3.49 19.60 -9.92
CA ILE A 258 2.05 19.80 -9.71
C ILE A 258 1.51 20.79 -10.76
N PRO A 259 0.55 20.34 -11.59
CA PRO A 259 0.09 21.26 -12.63
C PRO A 259 -0.96 22.25 -12.11
N ASP A 260 -0.91 23.45 -12.68
CA ASP A 260 -1.94 24.46 -12.46
C ASP A 260 -3.12 24.16 -13.39
N ASP A 261 -4.29 23.85 -12.83
CA ASP A 261 -5.43 23.46 -13.65
C ASP A 261 -5.87 24.53 -14.64
N GLY A 262 -5.65 25.80 -14.31
CA GLY A 262 -5.97 26.87 -15.26
C GLY A 262 -5.16 26.69 -16.54
N LEU A 263 -3.88 26.36 -16.39
CA LEU A 263 -2.98 26.14 -17.55
C LEU A 263 -3.34 24.87 -18.33
N VAL A 264 -3.75 23.83 -17.59
CA VAL A 264 -4.23 22.57 -18.18
C VAL A 264 -5.41 22.85 -19.10
N VAL A 265 -6.40 23.60 -18.60
CA VAL A 265 -7.58 23.96 -19.39
C VAL A 265 -7.18 24.82 -20.60
N ASP A 266 -6.21 25.71 -20.40
CA ASP A 266 -5.79 26.59 -21.48
C ASP A 266 -5.08 25.89 -22.65
N MET A 267 -4.74 24.61 -22.48
CA MET A 267 -4.26 23.80 -23.59
C MET A 267 -5.35 23.55 -24.63
N ILE A 268 -6.63 23.56 -24.19
CA ILE A 268 -7.76 23.21 -25.09
C ILE A 268 -7.78 24.00 -26.42
N PRO A 269 -7.79 25.36 -26.38
CA PRO A 269 -7.84 26.04 -27.66
C PRO A 269 -6.55 25.91 -28.49
N ARG A 270 -5.49 25.37 -27.88
CA ARG A 270 -4.26 25.12 -28.63
C ARG A 270 -4.38 23.83 -29.43
N ILE A 271 -4.98 22.81 -28.84
CA ILE A 271 -5.10 21.53 -29.54
C ILE A 271 -6.40 21.45 -30.35
N ALA A 272 -7.33 22.37 -30.07
CA ALA A 272 -8.62 22.42 -30.75
C ALA A 272 -8.95 23.87 -31.06
N PRO A 273 -8.36 24.41 -32.15
CA PRO A 273 -8.33 25.87 -32.32
C PRO A 273 -9.63 26.51 -32.78
N THR A 274 -10.58 25.72 -33.27
CA THR A 274 -11.83 26.28 -33.77
C THR A 274 -12.97 25.98 -32.81
N PRO A 275 -14.00 26.83 -32.82
CA PRO A 275 -15.21 26.50 -32.05
C PRO A 275 -15.76 25.08 -32.33
N GLU A 276 -15.80 24.66 -33.60
CA GLU A 276 -16.34 23.33 -33.92
C GLU A 276 -15.54 22.22 -33.28
N LEU A 277 -14.21 22.31 -33.33
CA LEU A 277 -13.35 21.28 -32.73
C LEU A 277 -13.51 21.21 -31.21
N GLN A 278 -13.63 22.39 -30.59
CA GLN A 278 -13.84 22.50 -29.15
C GLN A 278 -15.18 21.86 -28.76
N HIS A 279 -16.23 22.16 -29.52
CA HIS A 279 -17.57 21.63 -29.25
CA HIS A 279 -17.55 21.63 -29.22
C HIS A 279 -17.60 20.10 -29.43
N LYS A 280 -16.89 19.59 -30.43
CA LYS A 280 -16.82 18.14 -30.64
C LYS A 280 -16.09 17.48 -29.47
N MET A 281 -14.90 17.99 -29.15
CA MET A 281 -14.06 17.38 -28.11
C MET A 281 -14.67 17.49 -26.70
N LEU A 282 -15.32 18.62 -26.41
CA LEU A 282 -15.86 18.88 -25.07
C LEU A 282 -17.34 18.59 -24.86
N VAL A 283 -18.11 18.56 -25.94
CA VAL A 283 -19.56 18.34 -25.80
C VAL A 283 -20.04 17.11 -26.56
N THR A 284 -20.04 17.18 -27.90
CA THR A 284 -20.67 16.15 -28.73
C THR A 284 -20.07 14.77 -28.48
N ASN A 285 -18.74 14.69 -28.56
CA ASN A 285 -18.06 13.39 -28.41
C ASN A 285 -18.24 12.73 -27.05
N PRO A 286 -17.95 13.46 -25.94
CA PRO A 286 -18.19 12.81 -24.64
C PRO A 286 -19.67 12.50 -24.37
N MET A 287 -20.59 13.31 -24.92
CA MET A 287 -22.02 13.02 -24.77
C MET A 287 -22.40 11.71 -25.42
N ARG A 288 -21.87 11.45 -26.61
CA ARG A 288 -22.16 10.21 -27.33
C ARG A 288 -21.67 8.98 -26.56
N LEU A 289 -20.54 9.13 -25.86
CA LEU A 289 -19.99 8.05 -25.05
C LEU A 289 -20.68 7.83 -23.71
N TYR A 290 -21.02 8.93 -23.03
CA TYR A 290 -21.38 8.89 -21.60
C TYR A 290 -22.82 9.25 -21.31
N TRP A 291 -23.46 9.96 -22.24
CA TRP A 291 -24.88 10.32 -22.13
C TRP A 291 -25.62 10.10 -23.46
N SER A 292 -25.43 8.92 -24.06
CA SER A 292 -25.97 8.65 -25.39
C SER A 292 -27.49 8.81 -25.46
N GLU A 293 -28.17 8.55 -24.35
CA GLU A 293 -29.63 8.71 -24.26
C GLU A 293 -30.12 10.16 -24.47
N GLU A 294 -29.20 11.11 -24.35
CA GLU A 294 -29.52 12.52 -24.56
C GLU A 294 -29.24 12.98 -26.00
N MET A 295 -28.59 12.13 -26.79
CA MET A 295 -28.14 12.49 -28.14
C MET A 295 -29.12 12.07 -29.24
N SER B 2 12.35 -14.03 44.89
CA SER B 2 12.96 -13.26 45.96
C SER B 2 14.16 -12.44 45.60
N LEU B 3 14.57 -12.36 44.34
CA LEU B 3 15.46 -11.27 43.95
C LEU B 3 14.63 -10.01 43.81
N THR B 4 15.02 -8.99 44.49
CA THR B 4 14.27 -7.78 44.43
C THR B 4 14.49 -7.11 43.07
N ASN B 5 13.63 -6.15 42.76
CA ASN B 5 13.80 -5.38 41.55
C ASN B 5 15.16 -4.70 41.46
N ASP B 6 15.60 -4.14 42.56
CA ASP B 6 16.91 -3.48 42.58
C ASP B 6 18.06 -4.46 42.28
N GLU B 7 17.91 -5.70 42.70
CA GLU B 7 18.92 -6.74 42.48
C GLU B 7 18.93 -7.26 41.05
N ARG B 8 17.83 -7.04 40.34
CA ARG B 8 17.67 -7.54 38.96
C ARG B 8 18.05 -6.50 37.91
N ILE B 9 18.24 -6.95 36.67
CA ILE B 9 18.93 -6.17 35.63
C ILE B 9 18.01 -5.21 34.89
N LEU B 10 18.38 -3.94 34.88
CA LEU B 10 17.72 -2.92 34.07
C LEU B 10 18.34 -2.96 32.67
N SER B 11 17.48 -3.05 31.64
CA SER B 11 17.97 -3.07 30.25
C SER B 11 17.30 -2.03 29.35
N TRP B 12 16.52 -1.13 29.94
CA TRP B 12 15.83 -0.08 29.18
C TRP B 12 16.11 1.32 29.72
N ASN B 13 15.83 2.33 28.90
CA ASN B 13 15.99 3.73 29.27
C ASN B 13 14.75 4.16 30.04
N GLU B 14 14.94 4.64 31.27
CA GLU B 14 13.84 4.98 32.15
CA GLU B 14 13.81 4.97 32.11
C GLU B 14 13.15 6.28 31.73
N THR B 15 13.84 7.10 30.94
CA THR B 15 13.31 8.38 30.47
C THR B 15 13.61 8.54 28.98
N PRO B 16 12.97 7.70 28.12
CA PRO B 16 13.37 7.72 26.72
C PRO B 16 12.98 9.03 26.02
N SER B 17 13.73 9.39 24.98
CA SER B 17 13.42 10.59 24.19
C SER B 17 12.11 10.42 23.46
N LYS B 18 11.41 11.54 23.26
CA LYS B 18 10.29 11.56 22.33
C LYS B 18 10.84 11.27 20.92
N PRO B 19 10.20 10.38 20.17
CA PRO B 19 10.66 10.21 18.78
C PRO B 19 10.39 11.47 17.96
N ARG B 20 11.29 11.78 17.04
CA ARG B 20 11.06 12.87 16.10
C ARG B 20 10.04 12.44 15.05
N TYR B 21 9.98 11.13 14.82
CA TYR B 21 9.02 10.54 13.89
C TYR B 21 7.66 10.27 14.56
N THR B 22 6.57 10.58 13.84
CA THR B 22 5.20 10.30 14.32
C THR B 22 4.59 9.10 13.60
N PRO B 23 4.44 7.97 14.30
CA PRO B 23 3.77 6.84 13.67
C PRO B 23 2.34 7.19 13.25
N PRO B 24 1.82 6.51 12.21
CA PRO B 24 0.45 6.79 11.78
C PRO B 24 -0.56 6.26 12.79
N PRO B 25 -1.84 6.68 12.66
CA PRO B 25 -2.90 6.10 13.47
C PRO B 25 -2.94 4.60 13.25
N GLY B 26 -3.18 3.86 14.33
CA GLY B 26 -3.29 2.41 14.26
C GLY B 26 -1.95 1.68 14.18
N ALA B 27 -0.84 2.39 14.34
CA ALA B 27 0.49 1.79 14.27
C ALA B 27 0.66 0.71 15.31
N ILE B 28 1.23 -0.43 14.91
CA ILE B 28 1.42 -1.56 15.80
C ILE B 28 2.90 -1.81 16.11
N ASP B 29 3.25 -1.83 17.39
CA ASP B 29 4.58 -2.27 17.84
C ASP B 29 4.48 -3.79 17.97
N ALA B 30 4.97 -4.50 16.94
CA ALA B 30 4.70 -5.93 16.83
C ALA B 30 5.79 -6.82 17.45
N HIS B 31 6.70 -6.21 18.20
CA HIS B 31 7.68 -7.00 18.95
C HIS B 31 8.07 -6.30 20.23
N CYS B 32 7.42 -6.67 21.33
CA CYS B 32 7.77 -6.15 22.64
C CYS B 32 7.49 -7.23 23.67
N HIS B 33 7.88 -6.97 24.92
CA HIS B 33 7.70 -7.95 25.96
C HIS B 33 7.24 -7.28 27.25
N VAL B 34 6.67 -8.09 28.14
CA VAL B 34 6.65 -7.71 29.55
C VAL B 34 7.55 -8.66 30.36
N PHE B 35 8.08 -8.14 31.46
CA PHE B 35 8.84 -8.94 32.42
C PHE B 35 8.08 -8.88 33.74
N GLY B 36 7.55 -10.01 34.18
CA GLY B 36 6.80 -10.04 35.45
C GLY B 36 5.52 -9.23 35.36
N PRO B 37 5.17 -8.48 36.42
CA PRO B 37 5.90 -8.31 37.70
C PRO B 37 6.19 -9.66 38.38
N MET B 38 7.44 -9.84 38.84
CA MET B 38 7.91 -11.13 39.36
C MET B 38 7.14 -11.67 40.57
N ALA B 39 6.71 -10.75 41.43
CA ALA B 39 5.94 -11.10 42.62
C ALA B 39 4.64 -11.83 42.26
N GLN B 40 4.07 -11.51 41.09
CA GLN B 40 2.85 -12.19 40.61
C GLN B 40 3.16 -13.29 39.60
N PHE B 41 4.22 -13.08 38.83
CA PHE B 41 4.59 -13.95 37.73
C PHE B 41 6.08 -14.29 37.79
N PRO B 42 6.42 -15.38 38.49
CA PRO B 42 7.82 -15.78 38.67
C PRO B 42 8.49 -16.09 37.35
N PHE B 43 9.81 -15.91 37.31
CA PHE B 43 10.56 -16.29 36.12
C PHE B 43 10.69 -17.81 36.07
N SER B 44 10.95 -18.35 34.88
CA SER B 44 11.18 -19.78 34.71
C SER B 44 12.49 -20.20 35.39
N PRO B 45 12.53 -21.41 35.98
CA PRO B 45 13.79 -21.93 36.51
C PRO B 45 14.90 -22.02 35.45
N LYS B 46 14.51 -22.09 34.17
CA LYS B 46 15.46 -22.19 33.05
C LYS B 46 15.84 -20.85 32.43
N ALA B 47 15.34 -19.76 33.01
CA ALA B 47 15.67 -18.41 32.52
C ALA B 47 17.17 -18.17 32.56
N LYS B 48 17.73 -17.64 31.48
CA LYS B 48 19.16 -17.38 31.37
CA LYS B 48 19.16 -17.40 31.44
C LYS B 48 19.51 -15.93 31.74
N TYR B 49 18.47 -15.16 32.09
CA TYR B 49 18.62 -13.82 32.61
C TYR B 49 17.43 -13.53 33.50
N LEU B 50 17.65 -12.72 34.53
CA LEU B 50 16.59 -12.38 35.44
C LEU B 50 16.40 -10.87 35.46
N PRO B 51 15.47 -10.39 34.62
CA PRO B 51 15.30 -8.95 34.42
C PRO B 51 14.51 -8.27 35.51
N ARG B 52 14.74 -6.97 35.68
CA ARG B 52 13.89 -6.13 36.52
C ARG B 52 12.48 -6.14 35.96
N ASP B 53 11.49 -5.93 36.84
CA ASP B 53 10.08 -5.84 36.43
C ASP B 53 9.88 -4.80 35.34
N ALA B 54 9.10 -5.18 34.33
CA ALA B 54 8.69 -4.26 33.28
C ALA B 54 7.28 -4.68 32.91
N GLY B 55 6.31 -4.17 33.68
CA GLY B 55 4.92 -4.62 33.57
C GLY B 55 4.08 -3.89 32.54
N PRO B 56 2.80 -4.28 32.43
CA PRO B 56 1.91 -3.76 31.40
C PRO B 56 1.74 -2.24 31.51
N ASP B 57 1.60 -1.71 32.71
CA ASP B 57 1.44 -0.25 32.79
C ASP B 57 2.64 0.51 32.25
N MET B 58 3.84 -0.01 32.48
CA MET B 58 5.05 0.55 31.88
C MET B 58 5.05 0.39 30.37
N LEU B 59 4.60 -0.78 29.87
CA LEU B 59 4.51 -1.01 28.43
C LEU B 59 3.55 -0.02 27.78
N PHE B 60 2.37 0.17 28.37
CA PHE B 60 1.39 1.06 27.79
C PHE B 60 1.81 2.52 27.84
N ALA B 61 2.48 2.92 28.92
CA ALA B 61 3.00 4.28 29.02
C ALA B 61 4.02 4.51 27.91
N LEU B 62 4.86 3.52 27.66
CA LEU B 62 5.86 3.62 26.60
C LEU B 62 5.19 3.68 25.22
N ARG B 63 4.16 2.84 25.02
CA ARG B 63 3.42 2.80 23.76
C ARG B 63 2.87 4.19 23.45
N ASP B 64 2.21 4.80 24.45
CA ASP B 64 1.63 6.15 24.30
C ASP B 64 2.71 7.20 24.05
N HIS B 65 3.82 7.10 24.78
CA HIS B 65 4.92 8.05 24.67
C HIS B 65 5.47 8.05 23.25
N LEU B 66 5.64 6.86 22.68
CA LEU B 66 6.23 6.70 21.35
C LEU B 66 5.25 6.98 20.21
N GLY B 67 3.95 6.95 20.51
CA GLY B 67 2.92 7.29 19.51
C GLY B 67 2.32 6.09 18.80
N PHE B 68 2.40 4.91 19.43
CA PHE B 68 1.82 3.69 18.86
C PHE B 68 0.41 3.44 19.40
N ALA B 69 -0.37 2.66 18.64
CA ALA B 69 -1.78 2.39 18.98
C ALA B 69 -1.97 1.02 19.61
N ARG B 70 -1.23 0.02 19.12
CA ARG B 70 -1.36 -1.37 19.58
C ARG B 70 0.01 -2.03 19.74
N ASN B 71 0.02 -3.17 20.43
CA ASN B 71 1.22 -3.96 20.63
C ASN B 71 0.95 -5.43 20.37
N VAL B 72 2.00 -6.11 19.91
CA VAL B 72 2.06 -7.56 20.00
C VAL B 72 3.07 -7.91 21.09
N ILE B 73 2.56 -8.55 22.14
CA ILE B 73 3.35 -8.85 23.33
C ILE B 73 3.85 -10.27 23.21
N VAL B 74 5.16 -10.38 23.04
CA VAL B 74 5.83 -11.64 22.73
C VAL B 74 6.41 -12.25 24.01
N GLN B 75 5.98 -13.46 24.32
CA GLN B 75 6.50 -14.18 25.47
C GLN B 75 8.04 -14.13 25.49
N ALA B 76 8.59 -13.69 26.62
CA ALA B 76 10.03 -13.57 26.81
C ALA B 76 10.60 -14.88 27.35
N SER B 77 11.82 -15.25 26.92
CA SER B 77 12.46 -16.51 27.34
C SER B 77 12.70 -16.64 28.85
N CYS B 78 12.75 -15.51 29.55
CA CYS B 78 12.89 -15.54 31.02
C CYS B 78 11.65 -16.13 31.68
N HIS B 79 10.53 -16.16 30.95
CA HIS B 79 9.31 -16.78 31.47
C HIS B 79 9.00 -18.19 30.94
N GLY B 80 9.90 -18.76 30.14
CA GLY B 80 9.76 -20.13 29.64
C GLY B 80 8.43 -20.39 28.94
N THR B 81 7.76 -21.46 29.33
CA THR B 81 6.49 -21.83 28.71
C THR B 81 5.30 -21.38 29.55
N ASP B 82 5.57 -20.61 30.59
CA ASP B 82 4.51 -20.06 31.43
C ASP B 82 4.19 -18.67 30.90
N ASN B 83 3.08 -18.59 30.15
CA ASN B 83 2.68 -17.35 29.47
C ASN B 83 1.84 -16.40 30.31
N ALA B 84 1.76 -16.63 31.62
CA ALA B 84 0.84 -15.87 32.49
C ALA B 84 1.08 -14.34 32.45
N ALA B 85 2.33 -13.91 32.51
CA ALA B 85 2.61 -12.47 32.54
C ALA B 85 2.16 -11.80 31.25
N THR B 86 2.50 -12.44 30.13
CA THR B 86 2.08 -11.96 28.82
C THR B 86 0.55 -11.93 28.71
N LEU B 87 -0.11 -12.99 29.17
CA LEU B 87 -1.57 -13.06 29.09
C LEU B 87 -2.22 -11.95 29.90
N ASP B 88 -1.65 -11.66 31.07
CA ASP B 88 -2.20 -10.63 31.94
C ASP B 88 -2.00 -9.26 31.30
N ALA B 89 -0.86 -9.06 30.65
CA ALA B 89 -0.60 -7.81 29.92
C ALA B 89 -1.61 -7.60 28.78
N ILE B 90 -1.89 -8.66 28.02
CA ILE B 90 -2.88 -8.60 26.94
C ILE B 90 -4.27 -8.25 27.50
N ALA B 91 -4.62 -8.87 28.62
CA ALA B 91 -5.89 -8.63 29.28
C ALA B 91 -6.02 -7.15 29.66
N ARG B 92 -4.97 -6.61 30.27
CA ARG B 92 -4.94 -5.23 30.71
C ARG B 92 -4.95 -4.20 29.60
N ALA B 93 -4.52 -4.62 28.41
CA ALA B 93 -4.50 -3.77 27.22
C ALA B 93 -5.89 -3.44 26.72
N GLN B 94 -6.88 -4.19 27.21
CA GLN B 94 -8.30 -3.99 26.91
C GLN B 94 -8.57 -3.82 25.41
N GLY B 95 -8.03 -4.75 24.63
CA GLY B 95 -8.26 -4.78 23.21
C GLY B 95 -7.10 -4.26 22.37
N LYS B 96 -6.17 -3.53 22.99
CA LYS B 96 -5.07 -2.92 22.23
C LYS B 96 -3.83 -3.81 22.09
N ALA B 97 -3.93 -5.08 22.47
CA ALA B 97 -2.79 -6.00 22.28
C ALA B 97 -3.20 -7.41 21.87
N ARG B 98 -2.34 -8.02 21.07
CA ARG B 98 -2.38 -9.47 20.79
C ARG B 98 -1.04 -10.04 21.24
N GLY B 99 -0.85 -11.35 21.13
CA GLY B 99 0.34 -11.96 21.73
C GLY B 99 0.95 -13.11 20.96
N ILE B 100 2.19 -13.43 21.31
CA ILE B 100 2.88 -14.63 20.85
C ILE B 100 3.26 -15.44 22.09
N ALA B 101 3.02 -16.75 22.03
CA ALA B 101 3.27 -17.64 23.17
C ALA B 101 4.53 -18.50 22.99
N VAL B 102 5.07 -18.99 24.11
CA VAL B 102 6.02 -20.12 24.06
C VAL B 102 5.34 -21.28 24.79
N VAL B 103 5.24 -22.40 24.11
CA VAL B 103 4.51 -23.54 24.61
C VAL B 103 5.39 -24.77 24.70
N ASP B 104 5.08 -25.64 25.65
CA ASP B 104 5.58 -27.00 25.69
C ASP B 104 5.02 -27.68 24.44
N PRO B 105 5.87 -28.37 23.65
CA PRO B 105 5.39 -28.99 22.40
C PRO B 105 4.31 -30.06 22.60
N ALA B 106 4.10 -30.48 23.85
CA ALA B 106 3.07 -31.45 24.20
C ALA B 106 1.77 -30.82 24.70
N ILE B 107 1.69 -29.49 24.62
CA ILE B 107 0.47 -28.72 24.96
C ILE B 107 -0.74 -29.33 24.25
N ASP B 108 -1.88 -29.45 24.94
CA ASP B 108 -3.05 -30.08 24.34
C ASP B 108 -3.99 -29.06 23.67
N GLU B 109 -5.02 -29.56 22.99
CA GLU B 109 -5.88 -28.71 22.16
C GLU B 109 -6.62 -27.67 23.00
N ALA B 110 -7.11 -28.09 24.17
CA ALA B 110 -7.84 -27.20 25.08
C ALA B 110 -6.95 -26.05 25.55
N GLU B 111 -5.69 -26.34 25.83
CA GLU B 111 -4.78 -25.31 26.32
C GLU B 111 -4.43 -24.28 25.24
N LEU B 112 -4.27 -24.77 24.00
CA LEU B 112 -4.03 -23.88 22.85
C LEU B 112 -5.26 -23.00 22.61
N ALA B 113 -6.44 -23.59 22.77
CA ALA B 113 -7.68 -22.83 22.60
C ALA B 113 -7.79 -21.73 23.65
N ALA B 114 -7.43 -22.04 24.90
CA ALA B 114 -7.41 -21.05 25.97
C ALA B 114 -6.43 -19.93 25.63
N LEU B 115 -5.30 -20.28 25.05
CA LEU B 115 -4.31 -19.26 24.66
C LEU B 115 -4.89 -18.32 23.59
N HIS B 116 -5.59 -18.88 22.62
CA HIS B 116 -6.22 -18.10 21.62
C HIS B 116 -7.28 -17.17 22.18
N GLU B 117 -8.07 -17.65 23.11
CA GLU B 117 -9.08 -16.84 23.76
C GLU B 117 -8.44 -15.68 24.49
N GLY B 118 -7.22 -15.91 24.99
CA GLY B 118 -6.47 -14.92 25.72
C GLY B 118 -5.67 -13.97 24.87
N GLY B 119 -5.81 -14.05 23.54
CA GLY B 119 -5.16 -13.08 22.63
C GLY B 119 -3.91 -13.54 21.89
N MET B 120 -3.49 -14.78 22.14
CA MET B 120 -2.34 -15.34 21.42
C MET B 120 -2.71 -15.65 19.97
N ARG B 121 -1.79 -15.38 19.05
CA ARG B 121 -2.03 -15.66 17.63
C ARG B 121 -0.87 -16.44 17.01
N GLY B 122 -0.01 -17.01 17.86
CA GLY B 122 1.12 -17.79 17.37
C GLY B 122 2.05 -18.21 18.48
N ILE B 123 3.06 -18.99 18.12
CA ILE B 123 4.05 -19.51 19.07
C ILE B 123 5.47 -19.22 18.59
N ARG B 124 6.42 -19.22 19.51
CA ARG B 124 7.78 -18.82 19.18
C ARG B 124 8.77 -19.97 19.39
N PHE B 125 9.64 -20.14 18.41
CA PHE B 125 10.73 -21.12 18.45
C PHE B 125 12.04 -20.35 18.50
N ASN B 126 12.81 -20.57 19.58
CA ASN B 126 14.02 -19.79 19.84
C ASN B 126 15.25 -20.70 19.74
N PHE B 127 16.04 -20.48 18.69
CA PHE B 127 17.21 -21.29 18.37
C PHE B 127 18.53 -20.67 18.87
N LEU B 128 18.46 -19.65 19.73
CA LEU B 128 19.69 -19.09 20.30
C LEU B 128 20.03 -19.84 21.58
N LYS B 129 21.15 -20.57 21.57
CA LYS B 129 21.56 -21.34 22.75
C LYS B 129 21.78 -20.50 24.02
N ARG B 130 22.20 -19.24 23.85
CA ARG B 130 22.42 -18.34 24.99
C ARG B 130 21.12 -17.96 25.70
N LEU B 131 19.98 -18.30 25.08
CA LEU B 131 18.67 -18.01 25.63
C LEU B 131 17.91 -19.26 26.05
N VAL B 132 17.96 -20.30 25.21
CA VAL B 132 17.23 -21.56 25.45
C VAL B 132 18.11 -22.76 25.07
N ASP B 133 18.28 -23.71 25.98
CA ASP B 133 19.13 -24.88 25.71
C ASP B 133 18.60 -25.81 24.61
N ASP B 134 17.32 -26.17 24.72
CA ASP B 134 16.72 -27.20 23.86
C ASP B 134 15.82 -26.61 22.79
N ALA B 135 15.94 -27.16 21.59
CA ALA B 135 15.10 -26.75 20.48
C ALA B 135 14.83 -27.98 19.64
N PRO B 136 13.90 -28.84 20.11
CA PRO B 136 13.56 -30.11 19.44
C PRO B 136 12.74 -29.88 18.16
N LYS B 137 13.42 -29.90 17.02
CA LYS B 137 12.80 -29.55 15.72
C LYS B 137 11.61 -30.44 15.34
N ASP B 138 11.73 -31.75 15.55
CA ASP B 138 10.64 -32.67 15.24
C ASP B 138 9.39 -32.36 16.07
N LYS B 139 9.58 -32.10 17.36
CA LYS B 139 8.48 -31.75 18.26
C LYS B 139 7.89 -30.39 17.89
N PHE B 140 8.75 -29.47 17.49
CA PHE B 140 8.30 -28.15 17.01
C PHE B 140 7.39 -28.30 15.78
N LEU B 141 7.78 -29.14 14.82
CA LEU B 141 6.95 -29.38 13.65
C LEU B 141 5.59 -29.99 14.02
N GLU B 142 5.60 -30.96 14.94
CA GLU B 142 4.36 -31.60 15.41
C GLU B 142 3.37 -30.59 16.00
N VAL B 143 3.84 -29.72 16.91
CA VAL B 143 2.93 -28.78 17.56
C VAL B 143 2.48 -27.71 16.55
N ALA B 144 3.36 -27.36 15.61
CA ALA B 144 3.04 -26.34 14.62
C ALA B 144 1.90 -26.77 13.70
N GLY B 145 1.68 -28.09 13.61
CA GLY B 145 0.65 -28.64 12.75
C GLY B 145 -0.71 -28.77 13.42
N ARG B 146 -0.78 -28.40 14.70
CA ARG B 146 -2.05 -28.47 15.44
C ARG B 146 -2.40 -27.19 16.21
N LEU B 147 -1.99 -26.05 15.65
CA LEU B 147 -2.29 -24.75 16.25
C LEU B 147 -3.70 -24.32 15.87
N PRO B 148 -4.31 -23.44 16.67
CA PRO B 148 -5.60 -22.89 16.25
C PRO B 148 -5.57 -22.26 14.85
N ALA B 149 -6.72 -22.19 14.19
CA ALA B 149 -6.81 -21.67 12.84
C ALA B 149 -6.25 -20.26 12.73
N GLY B 150 -5.41 -20.06 11.73
CA GLY B 150 -4.88 -18.72 11.41
C GLY B 150 -3.68 -18.29 12.23
N TRP B 151 -3.16 -19.18 13.07
CA TRP B 151 -1.94 -18.89 13.84
C TRP B 151 -0.73 -18.98 12.94
N HIS B 152 0.37 -18.31 13.35
CA HIS B 152 1.65 -18.47 12.68
C HIS B 152 2.73 -18.86 13.69
N VAL B 153 3.94 -19.14 13.21
CA VAL B 153 5.08 -19.34 14.12
C VAL B 153 6.08 -18.20 13.96
N VAL B 154 6.69 -17.82 15.07
CA VAL B 154 7.73 -16.80 15.10
C VAL B 154 9.02 -17.54 15.35
N ILE B 155 10.06 -17.27 14.56
CA ILE B 155 11.33 -18.00 14.69
C ILE B 155 12.50 -17.05 14.87
N TYR B 156 13.31 -17.32 15.90
CA TYR B 156 14.50 -16.54 16.21
C TYR B 156 15.74 -17.40 16.03
N PHE B 157 16.63 -16.98 15.15
CA PHE B 157 17.89 -17.70 14.91
C PHE B 157 19.00 -16.73 14.52
N GLU B 158 20.24 -17.22 14.53
CA GLU B 158 21.40 -16.46 14.10
C GLU B 158 21.77 -16.85 12.69
N ALA B 159 22.42 -15.95 11.97
CA ALA B 159 22.73 -16.14 10.53
C ALA B 159 23.51 -17.42 10.26
N ASP B 160 24.42 -17.77 11.16
CA ASP B 160 25.31 -18.91 10.91
C ASP B 160 24.60 -20.28 10.96
N ILE B 161 23.36 -20.33 11.42
CA ILE B 161 22.62 -21.57 11.39
C ILE B 161 21.45 -21.59 10.39
N LEU B 162 21.32 -20.51 9.60
CA LEU B 162 20.24 -20.46 8.61
C LEU B 162 20.31 -21.68 7.67
N GLU B 163 21.49 -22.00 7.18
CA GLU B 163 21.57 -23.12 6.23
C GLU B 163 21.01 -24.43 6.79
N GLU B 164 21.36 -24.75 8.03
CA GLU B 164 20.90 -25.98 8.65
C GLU B 164 19.41 -25.95 9.00
N LEU B 165 18.87 -24.75 9.15
CA LEU B 165 17.45 -24.55 9.44
C LEU B 165 16.51 -24.57 8.22
N ARG B 166 17.04 -24.48 7.01
CA ARG B 166 16.18 -24.39 5.81
C ARG B 166 15.15 -25.52 5.69
N PRO B 167 15.57 -26.79 5.86
CA PRO B 167 14.58 -27.88 5.79
C PRO B 167 13.48 -27.80 6.84
N PHE B 168 13.82 -27.38 8.06
CA PHE B 168 12.84 -27.21 9.14
C PHE B 168 11.82 -26.14 8.74
N MET B 169 12.30 -24.98 8.30
CA MET B 169 11.41 -23.90 7.91
C MET B 169 10.53 -24.22 6.71
N ASP B 170 11.07 -24.95 5.73
CA ASP B 170 10.24 -25.34 4.60
C ASP B 170 9.11 -26.32 5.01
N ALA B 171 9.33 -27.07 6.09
CA ALA B 171 8.37 -28.06 6.54
C ALA B 171 7.26 -27.48 7.43
N ILE B 172 7.51 -26.31 8.01
CA ILE B 172 6.50 -25.68 8.89
C ILE B 172 5.19 -25.45 8.15
N PRO B 173 4.07 -26.00 8.68
CA PRO B 173 2.84 -26.01 7.90
C PRO B 173 1.96 -24.77 8.02
N VAL B 174 2.44 -23.72 8.70
CA VAL B 174 1.72 -22.46 8.85
C VAL B 174 2.65 -21.30 8.44
N PRO B 175 2.14 -20.05 8.34
CA PRO B 175 3.07 -18.96 8.01
C PRO B 175 4.14 -18.74 9.10
N ILE B 176 5.24 -18.07 8.71
CA ILE B 176 6.41 -17.88 9.55
C ILE B 176 6.75 -16.40 9.64
N VAL B 177 7.09 -15.95 10.85
CA VAL B 177 7.60 -14.59 11.07
C VAL B 177 9.02 -14.69 11.62
N ILE B 178 9.98 -14.02 10.98
CA ILE B 178 11.39 -14.09 11.39
C ILE B 178 11.78 -12.91 12.27
N ASP B 179 12.22 -13.18 13.49
CA ASP B 179 12.67 -12.13 14.42
C ASP B 179 14.01 -11.55 13.94
N HIS B 180 14.04 -10.22 13.87
CA HIS B 180 15.27 -9.43 13.60
C HIS B 180 16.03 -9.90 12.37
N MET B 181 15.28 -10.35 11.35
CA MET B 181 15.83 -10.83 10.05
C MET B 181 16.83 -12.00 10.17
N GLY B 182 16.78 -12.74 11.27
CA GLY B 182 17.78 -13.79 11.55
C GLY B 182 19.18 -13.24 11.81
N ARG B 183 19.21 -12.01 12.35
CA ARG B 183 20.44 -11.34 12.80
C ARG B 183 21.55 -11.23 11.76
N PRO B 184 21.24 -10.64 10.59
CA PRO B 184 22.28 -10.50 9.56
C PRO B 184 23.35 -9.49 10.00
N ASP B 185 24.58 -9.65 9.49
CA ASP B 185 25.63 -8.69 9.78
C ASP B 185 25.44 -7.49 8.87
N VAL B 186 24.81 -6.44 9.41
CA VAL B 186 24.43 -5.27 8.60
C VAL B 186 25.64 -4.45 8.17
N ARG B 187 26.80 -4.74 8.75
CA ARG B 187 28.02 -4.10 8.29
C ARG B 187 28.35 -4.45 6.82
N GLN B 188 27.79 -5.57 6.35
CA GLN B 188 28.12 -6.10 5.01
C GLN B 188 27.46 -5.33 3.87
N GLY B 189 26.43 -4.56 4.21
CA GLY B 189 25.66 -3.87 3.17
C GLY B 189 24.41 -4.66 2.79
N PRO B 190 23.49 -4.02 2.04
CA PRO B 190 22.20 -4.66 1.72
C PRO B 190 22.34 -5.88 0.80
N ASP B 191 23.42 -5.95 0.05
CA ASP B 191 23.68 -7.12 -0.81
C ASP B 191 24.80 -8.00 -0.30
N GLY B 192 25.09 -7.88 1.00
CA GLY B 192 26.13 -8.70 1.65
C GLY B 192 25.74 -10.16 1.77
N ALA B 193 26.66 -10.99 2.25
CA ALA B 193 26.42 -12.43 2.28
C ALA B 193 25.18 -12.83 3.09
N ASP B 194 25.04 -12.25 4.30
CA ASP B 194 23.92 -12.62 5.17
C ASP B 194 22.58 -12.22 4.56
N MET B 195 22.52 -11.02 3.97
CA MET B 195 21.30 -10.58 3.29
C MET B 195 20.94 -11.43 2.07
N LYS B 196 21.95 -11.85 1.33
CA LYS B 196 21.70 -12.75 0.18
C LYS B 196 21.11 -14.07 0.65
N ALA B 197 21.70 -14.63 1.70
CA ALA B 197 21.20 -15.88 2.28
C ALA B 197 19.79 -15.69 2.81
N PHE B 198 19.53 -14.54 3.42
CA PHE B 198 18.21 -14.29 3.99
C PHE B 198 17.17 -14.14 2.89
N ARG B 199 17.55 -13.43 1.82
CA ARG B 199 16.63 -13.33 0.67
C ARG B 199 16.33 -14.68 0.02
N ARG B 200 17.30 -15.60 0.01
CA ARG B 200 17.03 -16.95 -0.50
C ARG B 200 15.92 -17.61 0.33
N LEU B 201 15.93 -17.36 1.66
CA LEU B 201 14.88 -17.89 2.53
C LEU B 201 13.53 -17.23 2.20
N LEU B 202 13.51 -15.91 2.09
CA LEU B 202 12.27 -15.20 1.77
C LEU B 202 11.69 -15.63 0.41
N ASP B 203 12.57 -15.89 -0.56
CA ASP B 203 12.13 -16.29 -1.91
C ASP B 203 11.61 -17.73 -2.01
N SER B 204 11.80 -18.53 -0.96
CA SER B 204 11.44 -19.96 -0.98
C SER B 204 9.97 -20.23 -0.69
N ARG B 205 9.33 -19.31 0.02
CA ARG B 205 7.92 -19.42 0.37
C ARG B 205 7.36 -18.02 0.42
N GLU B 206 6.13 -17.84 -0.05
CA GLU B 206 5.51 -16.51 -0.05
C GLU B 206 5.01 -16.04 1.32
N ASP B 207 4.78 -17.01 2.22
CA ASP B 207 4.21 -16.75 3.53
C ASP B 207 5.27 -16.68 4.65
N ILE B 208 6.50 -16.28 4.30
CA ILE B 208 7.50 -15.94 5.31
C ILE B 208 7.57 -14.42 5.43
N TRP B 209 7.28 -13.95 6.63
CA TRP B 209 7.33 -12.54 6.98
C TRP B 209 8.58 -12.30 7.82
N PHE B 210 8.94 -11.03 8.00
CA PHE B 210 10.07 -10.71 8.87
C PHE B 210 9.92 -9.39 9.63
N LYS B 211 10.59 -9.32 10.77
CA LYS B 211 10.61 -8.12 11.56
C LYS B 211 11.88 -7.33 11.20
N ALA B 212 11.73 -6.08 10.76
CA ALA B 212 12.85 -5.27 10.35
C ALA B 212 13.37 -4.50 11.56
N THR B 213 13.94 -5.22 12.51
CA THR B 213 14.09 -4.73 13.87
C THR B 213 15.47 -4.81 14.52
N CYS B 214 15.65 -3.99 15.55
CA CYS B 214 16.79 -4.09 16.47
C CYS B 214 18.15 -3.62 15.93
N PRO B 215 18.22 -2.36 15.48
CA PRO B 215 19.53 -1.81 15.11
C PRO B 215 20.48 -1.84 16.31
N ASP B 216 19.92 -1.70 17.51
CA ASP B 216 20.70 -1.75 18.76
C ASP B 216 21.41 -3.11 18.92
N ARG B 217 20.75 -4.20 18.54
CA ARG B 217 21.34 -5.54 18.58
C ARG B 217 22.31 -5.82 17.45
N LEU B 218 21.99 -5.31 16.26
CA LEU B 218 22.66 -5.79 15.04
C LEU B 218 23.78 -4.89 14.56
N ASP B 219 23.75 -3.62 14.98
CA ASP B 219 24.71 -2.65 14.46
C ASP B 219 25.63 -2.17 15.59
N PRO B 220 26.88 -2.68 15.63
CA PRO B 220 27.74 -2.43 16.80
C PRO B 220 28.32 -1.02 16.85
N ALA B 221 28.09 -0.20 15.81
CA ALA B 221 28.59 1.19 15.83
C ALA B 221 27.80 2.07 16.79
N GLY B 222 26.60 1.63 17.14
CA GLY B 222 25.70 2.43 17.96
C GLY B 222 25.01 3.48 17.12
N PRO B 223 24.10 4.25 17.73
CA PRO B 223 23.31 5.23 16.99
C PRO B 223 24.22 6.23 16.25
N PRO B 224 23.84 6.66 15.03
CA PRO B 224 22.52 6.45 14.42
C PRO B 224 22.31 5.12 13.67
N TRP B 225 23.22 4.16 13.88
CA TRP B 225 23.08 2.82 13.29
C TRP B 225 22.95 2.88 11.74
N ASP B 226 23.88 3.60 11.12
CA ASP B 226 23.86 3.80 9.67
C ASP B 226 23.99 2.50 8.86
N ASP B 227 24.72 1.51 9.37
CA ASP B 227 24.86 0.24 8.63
C ASP B 227 23.53 -0.52 8.67
N PHE B 228 22.82 -0.43 9.79
CA PHE B 228 21.48 -1.06 9.84
C PHE B 228 20.58 -0.38 8.82
N ALA B 229 20.58 0.96 8.82
CA ALA B 229 19.70 1.71 7.93
C ALA B 229 19.97 1.37 6.46
N ARG B 230 21.24 1.40 6.06
CA ARG B 230 21.59 1.13 4.65
C ARG B 230 21.39 -0.32 4.22
N SER B 231 21.51 -1.26 5.15
CA SER B 231 21.36 -2.68 4.79
C SER B 231 19.90 -3.14 4.79
N VAL B 232 19.08 -2.52 5.63
CA VAL B 232 17.72 -3.00 5.86
C VAL B 232 16.70 -2.29 4.96
N ALA B 233 16.97 -1.04 4.59
CA ALA B 233 16.00 -0.28 3.79
C ALA B 233 15.68 -0.98 2.46
N PRO B 234 16.71 -1.50 1.74
CA PRO B 234 16.39 -2.22 0.48
C PRO B 234 15.55 -3.49 0.72
N LEU B 235 15.77 -4.16 1.85
CA LEU B 235 14.97 -5.34 2.21
C LEU B 235 13.50 -4.99 2.43
N VAL B 236 13.26 -3.91 3.17
CA VAL B 236 11.90 -3.43 3.42
C VAL B 236 11.22 -3.10 2.08
N ALA B 237 11.92 -2.36 1.22
CA ALA B 237 11.37 -1.98 -0.11
C ALA B 237 11.03 -3.20 -0.98
N ASP B 238 11.91 -4.20 -0.99
CA ASP B 238 11.79 -5.38 -1.84
C ASP B 238 10.74 -6.39 -1.37
N TYR B 239 10.41 -6.34 -0.06
CA TYR B 239 9.41 -7.26 0.52
C TYR B 239 8.35 -6.49 1.31
N ALA B 240 7.83 -5.44 0.70
CA ALA B 240 6.99 -4.45 1.42
C ALA B 240 5.71 -5.04 1.99
N ASP B 241 5.25 -6.15 1.42
CA ASP B 241 4.01 -6.78 1.89
C ASP B 241 4.22 -7.88 2.92
N ARG B 242 5.47 -8.03 3.36
CA ARG B 242 5.86 -9.13 4.23
C ARG B 242 6.68 -8.68 5.44
N VAL B 243 6.65 -7.38 5.73
CA VAL B 243 7.52 -6.81 6.76
C VAL B 243 6.71 -6.16 7.88
N ILE B 244 7.14 -6.39 9.12
CA ILE B 244 6.52 -5.74 10.28
C ILE B 244 7.63 -5.18 11.16
N TRP B 245 7.26 -4.51 12.25
CA TRP B 245 8.25 -3.75 13.02
C TRP B 245 7.87 -3.75 14.50
N GLY B 246 8.87 -3.67 15.37
CA GLY B 246 8.67 -3.45 16.81
C GLY B 246 9.84 -2.74 17.45
N THR B 247 9.64 -2.29 18.69
CA THR B 247 10.67 -1.60 19.47
C THR B 247 11.64 -2.57 20.11
N ALA B 248 11.14 -3.79 20.38
CA ALA B 248 11.84 -4.81 21.19
C ALA B 248 11.99 -4.41 22.66
N TRP B 249 11.27 -3.36 23.08
CA TRP B 249 11.27 -2.97 24.49
C TRP B 249 10.71 -4.16 25.29
N PRO B 250 11.26 -4.45 26.49
CA PRO B 250 12.25 -3.70 27.26
C PRO B 250 13.70 -4.14 27.06
N HIS B 251 14.00 -4.65 25.88
CA HIS B 251 15.39 -4.86 25.41
C HIS B 251 16.14 -5.90 26.26
N PRO B 252 15.55 -7.11 26.41
CA PRO B 252 16.28 -8.12 27.21
C PRO B 252 17.72 -8.30 26.71
N ASN B 253 18.65 -8.36 27.65
CA ASN B 253 20.07 -8.61 27.37
C ASN B 253 20.84 -7.45 26.78
N MET B 254 20.19 -6.29 26.71
CA MET B 254 20.83 -5.09 26.15
C MET B 254 21.39 -4.13 27.21
N GLN B 255 21.57 -4.59 28.45
CA GLN B 255 22.05 -3.73 29.54
C GLN B 255 23.43 -3.08 29.27
N ASP B 256 24.22 -3.69 28.39
CA ASP B 256 25.53 -3.10 28.06
C ASP B 256 25.51 -2.03 26.99
N ALA B 257 24.38 -1.90 26.28
CA ALA B 257 24.18 -0.86 25.28
C ALA B 257 22.71 -0.49 25.26
N ILE B 258 22.24 0.15 26.33
CA ILE B 258 20.81 0.40 26.51
C ILE B 258 20.34 1.40 25.45
N PRO B 259 19.37 0.98 24.61
CA PRO B 259 18.95 1.92 23.55
C PRO B 259 17.95 2.97 24.05
N ASP B 260 17.99 4.14 23.42
CA ASP B 260 16.97 5.18 23.64
C ASP B 260 15.80 4.90 22.69
N ASP B 261 14.62 4.60 23.25
CA ASP B 261 13.50 4.17 22.42
C ASP B 261 13.07 5.22 21.39
N GLY B 262 13.31 6.49 21.70
CA GLY B 262 13.02 7.56 20.75
C GLY B 262 13.84 7.37 19.49
N LEU B 263 15.12 7.02 19.68
CA LEU B 263 16.02 6.74 18.54
C LEU B 263 15.68 5.42 17.83
N VAL B 264 15.25 4.42 18.59
CA VAL B 264 14.76 3.16 18.01
C VAL B 264 13.59 3.42 17.01
N VAL B 265 12.61 4.22 17.45
CA VAL B 265 11.45 4.58 16.62
C VAL B 265 11.90 5.40 15.42
N ASP B 266 12.90 6.26 15.63
CA ASP B 266 13.33 7.15 14.56
C ASP B 266 14.04 6.43 13.40
N MET B 267 14.36 5.15 13.61
CA MET B 267 14.85 4.32 12.50
C MET B 267 13.76 4.08 11.45
N ILE B 268 12.49 4.09 11.86
CA ILE B 268 11.38 3.75 10.94
C ILE B 268 11.42 4.50 9.60
N PRO B 269 11.45 5.86 9.62
CA PRO B 269 11.41 6.56 8.33
C PRO B 269 12.70 6.37 7.52
N ARG B 270 13.75 5.84 8.15
CA ARG B 270 15.00 5.55 7.43
C ARG B 270 14.87 4.26 6.63
N ILE B 271 14.24 3.25 7.23
CA ILE B 271 14.09 1.98 6.51
C ILE B 271 12.81 1.92 5.69
N ALA B 272 11.86 2.82 5.97
CA ALA B 272 10.59 2.90 5.26
C ALA B 272 10.32 4.36 4.93
N PRO B 273 10.99 4.88 3.89
CA PRO B 273 11.01 6.32 3.70
C PRO B 273 9.70 6.96 3.25
N THR B 274 8.76 6.17 2.74
CA THR B 274 7.53 6.70 2.18
C THR B 274 6.32 6.43 3.07
N PRO B 275 5.27 7.27 2.99
CA PRO B 275 4.05 6.94 3.74
C PRO B 275 3.47 5.56 3.37
N GLU B 276 3.58 5.19 2.09
CA GLU B 276 3.15 3.86 1.65
C GLU B 276 3.87 2.73 2.40
N LEU B 277 5.20 2.79 2.47
CA LEU B 277 5.94 1.76 3.19
C LEU B 277 5.69 1.78 4.70
N GLN B 278 5.56 2.97 5.27
CA GLN B 278 5.29 3.09 6.69
C GLN B 278 3.93 2.48 7.01
N HIS B 279 2.94 2.74 6.16
CA HIS B 279 1.59 2.22 6.39
C HIS B 279 1.53 0.70 6.32
N LYS B 280 2.21 0.12 5.33
CA LYS B 280 2.31 -1.34 5.24
C LYS B 280 2.99 -1.94 6.46
N MET B 281 4.17 -1.41 6.79
CA MET B 281 4.99 -2.00 7.84
C MET B 281 4.41 -1.83 9.25
N LEU B 282 3.74 -0.71 9.49
CA LEU B 282 3.21 -0.40 10.85
C LEU B 282 1.72 -0.66 11.03
N VAL B 283 0.99 -0.74 9.92
CA VAL B 283 -0.47 -0.91 10.01
C VAL B 283 -0.96 -2.16 9.28
N THR B 284 -0.96 -2.13 7.95
CA THR B 284 -1.56 -3.23 7.16
C THR B 284 -0.98 -4.62 7.43
N ASN B 285 0.35 -4.74 7.37
CA ASN B 285 1.01 -6.04 7.55
C ASN B 285 0.80 -6.64 8.94
N PRO B 286 1.10 -5.87 10.02
CA PRO B 286 0.81 -6.46 11.34
C PRO B 286 -0.69 -6.71 11.59
N MET B 287 -1.58 -5.89 11.02
CA MET B 287 -3.04 -6.14 11.13
C MET B 287 -3.40 -7.48 10.49
N ARG B 288 -2.85 -7.74 9.31
CA ARG B 288 -3.11 -9.00 8.61
C ARG B 288 -2.69 -10.18 9.45
N LEU B 289 -1.58 -10.07 10.16
CA LEU B 289 -1.08 -11.18 10.98
C LEU B 289 -1.81 -11.36 12.31
N TYR B 290 -2.09 -10.26 12.98
CA TYR B 290 -2.52 -10.29 14.38
C TYR B 290 -3.98 -9.93 14.62
N TRP B 291 -4.57 -9.20 13.67
CA TRP B 291 -5.96 -8.78 13.76
C TRP B 291 -6.71 -9.05 12.45
N SER B 292 -6.55 -10.26 11.91
CA SER B 292 -7.08 -10.56 10.57
C SER B 292 -8.59 -10.38 10.46
N GLU B 293 -9.31 -10.52 11.58
CA GLU B 293 -10.76 -10.34 11.62
C GLU B 293 -11.20 -8.90 11.34
N GLU B 294 -10.28 -7.94 11.48
CA GLU B 294 -10.58 -6.55 11.14
C GLU B 294 -10.22 -6.23 9.68
N MET B 295 -9.65 -7.19 8.97
CA MET B 295 -9.12 -6.97 7.59
C MET B 295 -9.97 -7.64 6.51
C8 0GZ C . -0.65 7.91 -13.57
C11 0GZ C . -4.65 5.79 -11.49
C6 0GZ C . -4.07 6.73 -12.51
C4 0GZ C . -2.13 7.74 -13.51
C2 0GZ C . -4.34 8.25 -14.32
C5 0GZ C . -2.69 6.90 -12.56
C3 0GZ C . -2.96 8.42 -14.39
O10 0GZ C . -0.11 8.12 -14.69
O9 0GZ C . 0.02 7.81 -12.52
O7 0GZ C . -5.15 8.92 -15.18
O1 0GZ C . -4.89 7.41 -13.38
O13 0GZ C . -5.82 5.37 -11.65
O12 0GZ C . -3.95 5.43 -10.51
C ACT D . 3.24 10.32 -14.69
O ACT D . 4.28 10.29 -15.40
OXT ACT D . 2.15 10.41 -15.29
CH3 ACT D . 3.30 10.24 -13.19
C2 0GY E . -4.33 8.80 -14.52
C3 0GY E . -2.87 8.79 -14.40
C4 0GY E . -2.24 8.07 -13.46
C5 0GY E . -2.97 7.40 -12.37
C6 0GY E . -3.86 6.41 -12.60
O6B 0GY E . -5.73 5.38 -11.66
C6A 0GY E . -4.56 5.78 -11.47
O6A 0GY E . -3.96 5.66 -10.38
O6 0GY E . -4.13 5.96 -13.83
C4A 0GY E . -0.76 7.97 -13.55
O4A 0GY E . -0.23 8.07 -14.68
O4B 0GY E . -0.11 7.83 -12.50
O2 0GY E . -4.83 9.26 -15.56
O1 0GY E . -5.05 8.39 -13.58
C8 0GZ F . 18.13 -11.57 22.74
C11 0GZ F . 13.92 -13.40 24.75
C6 0GZ F . 14.61 -12.54 23.72
C4 0GZ F . 16.63 -11.65 22.77
C2 0GZ F . 14.49 -11.04 21.87
C5 0GZ F . 15.99 -12.45 23.71
C3 0GZ F . 15.87 -10.94 21.84
O10 0GZ F . 18.70 -11.54 21.63
O9 0GZ F . 18.73 -11.55 23.83
O7 0GZ F . 13.74 -10.35 20.97
O1 0GZ F . 13.87 -11.84 22.80
O13 0GZ F . 12.86 -13.99 24.42
O12 0GZ F . 14.44 -13.54 25.88
C ACT G . 21.96 -9.15 21.73
O ACT G . 23.01 -9.23 21.05
OXT ACT G . 20.91 -9.04 21.09
CH3 ACT G . 21.96 -9.20 23.23
MG MG H . 22.38 -1.50 41.61
MG MG I . 5.25 11.49 18.79
C2 0GY J . 14.49 -10.48 21.75
C3 0GY J . 15.94 -10.59 21.94
C4 0GY J . 16.51 -11.35 22.90
C5 0GY J . 15.72 -11.99 23.99
C6 0GY J . 14.73 -12.86 23.73
O6B 0GY J . 12.85 -13.99 24.54
C6A 0GY J . 13.98 -13.50 24.81
O6A 0GY J . 14.47 -13.55 25.97
O6 0GY J . 14.41 -13.18 22.48
C4A 0GY J . 17.94 -11.55 22.86
O4A 0GY J . 18.51 -11.58 21.73
O4B 0GY J . 18.57 -11.64 23.93
O2 0GY J . 14.07 -10.07 20.66
O1 0GY J . 13.71 -10.76 22.69
#